data_5AXK
#
_entry.id   5AXK
#
_cell.length_a   98.255
_cell.length_b   120.480
_cell.length_c   157.392
_cell.angle_alpha   90.00
_cell.angle_beta   90.00
_cell.angle_gamma   90.00
#
_symmetry.space_group_name_H-M   'C 2 2 21'
#
loop_
_entity.id
_entity.type
_entity.pdbx_description
1 polymer "tRNA(His)-5'-guanylyltransferase (Thg1) like protein"
2 non-polymer GLYCEROL
3 water water
#
_entity_poly.entity_id   1
_entity_poly.type   'polypeptide(L)'
_entity_poly.pdbx_seq_one_letter_code
;MKTREIYAEMRCIPPVVLRADGRNFKNTLSGLGFEKPYDKTFARAMADTAELFIKKSGLSPLFAYTFSDEISFLFTDLPF
DGRVEKIDSVVASFLGSALTIKLRLEEPIAFDSRLVALQKEEIPEYFHRRQLEAWRNFVASWGYYALRNEGMGRNEAAKY
LKRKKESEIHEMLFERGINLATLPSWQRRGVIISKEAREIQGFNPVSGKEEKSLRRKITQNWEIPKFKSEKGIPFLEKLI
NRNLEHHHHHH
;
_entity_poly.pdbx_strand_id   A,B
#
loop_
_chem_comp.id
_chem_comp.type
_chem_comp.name
_chem_comp.formula
GOL non-polymer GLYCEROL 'C3 H8 O3'
#
# COMPACT_ATOMS: atom_id res chain seq x y z
N LYS A 2 -4.34 20.75 4.77
CA LYS A 2 -5.34 21.62 4.15
C LYS A 2 -6.75 21.29 4.62
N THR A 3 -7.64 22.29 4.54
CA THR A 3 -9.07 22.15 4.81
C THR A 3 -9.82 21.41 3.71
N ARG A 4 -9.09 20.92 2.70
CA ARG A 4 -9.64 20.02 1.69
C ARG A 4 -9.30 18.56 2.05
N GLU A 5 -8.30 18.38 2.92
CA GLU A 5 -7.95 17.05 3.42
C GLU A 5 -8.83 16.75 4.61
N ILE A 6 -10.10 16.45 4.34
CA ILE A 6 -11.09 16.48 5.41
C ILE A 6 -11.11 15.22 6.26
N TYR A 7 -10.46 14.16 5.80
CA TYR A 7 -10.42 12.93 6.57
C TYR A 7 -9.16 12.87 7.39
N ALA A 8 -8.30 13.86 7.22
CA ALA A 8 -6.97 13.83 7.79
C ALA A 8 -6.96 13.96 9.30
N GLU A 9 -8.02 14.49 9.89
CA GLU A 9 -8.08 14.58 11.36
C GLU A 9 -9.00 13.51 11.97
N MET A 10 -9.69 12.73 11.13
CA MET A 10 -10.42 11.54 11.59
C MET A 10 -9.48 10.76 12.54
N ARG A 11 -9.93 10.55 13.76
CA ARG A 11 -9.07 9.93 14.77
C ARG A 11 -9.75 8.80 15.53
N CYS A 12 -8.93 8.03 16.24
CA CYS A 12 -9.41 6.90 17.02
C CYS A 12 -8.74 6.95 18.36
N ILE A 13 -9.24 6.17 19.32
CA ILE A 13 -8.67 6.12 20.66
C ILE A 13 -8.22 4.69 21.00
N PRO A 14 -7.22 4.53 21.88
CA PRO A 14 -6.83 3.17 22.27
C PRO A 14 -7.89 2.50 23.14
N PRO A 15 -7.92 1.17 23.17
CA PRO A 15 -7.04 0.31 22.37
C PRO A 15 -7.66 0.09 21.00
N VAL A 16 -6.84 -0.22 20.01
CA VAL A 16 -7.40 -0.51 18.70
C VAL A 16 -6.75 -1.73 18.06
N VAL A 17 -7.50 -2.39 17.20
CA VAL A 17 -7.00 -3.45 16.39
C VAL A 17 -6.97 -2.99 14.94
N LEU A 18 -5.84 -3.18 14.29
CA LEU A 18 -5.80 -2.98 12.85
C LEU A 18 -5.88 -4.34 12.18
N ARG A 19 -6.78 -4.49 11.22
CA ARG A 19 -6.82 -5.74 10.51
C ARG A 19 -6.54 -5.51 9.05
N ALA A 20 -5.44 -6.09 8.54
CA ALA A 20 -5.12 -5.95 7.13
C ALA A 20 -5.42 -7.23 6.42
N ASP A 21 -5.94 -7.12 5.21
CA ASP A 21 -6.35 -8.28 4.48
C ASP A 21 -5.94 -8.18 3.02
N GLY A 22 -5.34 -9.25 2.49
CA GLY A 22 -4.87 -9.30 1.12
C GLY A 22 -5.99 -9.06 0.15
N ARG A 23 -5.81 -8.14 -0.77
CA ARG A 23 -6.81 -7.90 -1.82
C ARG A 23 -6.62 -8.85 -3.02
N ASN A 24 -7.57 -9.73 -3.27
CA ASN A 24 -7.55 -10.50 -4.53
C ASN A 24 -6.28 -11.33 -4.73
N PHE A 25 -5.67 -11.81 -3.65
CA PHE A 25 -4.45 -12.62 -3.75
C PHE A 25 -4.59 -13.86 -4.67
N LYS A 26 -5.78 -14.46 -4.74
CA LYS A 26 -5.91 -15.69 -5.52
C LYS A 26 -5.77 -15.42 -7.03
N ASN A 27 -5.95 -14.17 -7.44
CA ASN A 27 -5.56 -13.77 -8.79
C ASN A 27 -4.11 -13.26 -8.87
N THR A 28 -3.75 -12.31 -7.98
CA THR A 28 -2.47 -11.59 -8.07
C THR A 28 -1.27 -12.41 -7.64
N LEU A 29 -1.48 -13.43 -6.81
CA LEU A 29 -0.39 -14.35 -6.46
C LEU A 29 -0.47 -15.67 -7.24
N SER A 30 -1.39 -15.77 -8.18
CA SER A 30 -1.42 -16.93 -9.07
C SER A 30 -0.13 -16.87 -9.88
N GLY A 31 0.33 -17.99 -10.40
CA GLY A 31 1.56 -17.91 -11.17
C GLY A 31 2.79 -17.97 -10.31
N LEU A 32 2.65 -17.87 -8.99
CA LEU A 32 3.72 -18.37 -8.14
C LEU A 32 3.60 -19.91 -7.97
N GLY A 33 2.54 -20.48 -8.54
CA GLY A 33 2.25 -21.91 -8.40
C GLY A 33 2.29 -22.40 -6.96
N PHE A 34 1.53 -21.74 -6.09
CA PHE A 34 1.39 -22.17 -4.71
C PHE A 34 0.61 -23.48 -4.64
N GLU A 35 1.04 -24.41 -3.80
CA GLU A 35 0.29 -25.65 -3.61
C GLU A 35 -1.12 -25.42 -3.06
N LYS A 36 -2.09 -26.15 -3.60
CA LYS A 36 -3.45 -26.12 -3.10
C LYS A 36 -3.66 -27.21 -2.04
N PRO A 37 -4.57 -26.97 -1.07
CA PRO A 37 -5.35 -25.75 -0.88
C PRO A 37 -4.63 -24.78 0.05
N TYR A 38 -3.53 -25.26 0.62
CA TYR A 38 -2.69 -24.50 1.53
C TYR A 38 -1.24 -24.69 1.11
N ASP A 39 -0.44 -23.63 1.22
CA ASP A 39 0.99 -23.69 0.93
C ASP A 39 1.75 -23.05 2.09
N LYS A 40 2.58 -23.83 2.77
CA LYS A 40 3.25 -23.32 3.96
C LYS A 40 4.31 -22.26 3.62
N THR A 41 4.71 -22.16 2.35
CA THR A 41 5.62 -21.09 1.91
C THR A 41 4.88 -19.74 1.95
N PHE A 42 3.65 -19.71 1.45
CA PHE A 42 2.83 -18.51 1.57
C PHE A 42 2.61 -18.11 3.03
N ALA A 43 2.34 -19.09 3.89
CA ALA A 43 2.08 -18.82 5.30
C ALA A 43 3.34 -18.37 6.04
N ARG A 44 4.51 -18.88 5.67
CA ARG A 44 5.76 -18.40 6.27
C ARG A 44 5.99 -16.93 5.87
N ALA A 45 5.62 -16.60 4.65
CA ALA A 45 5.80 -15.27 4.12
C ALA A 45 4.92 -14.28 4.90
N MET A 46 3.66 -14.66 5.15
CA MET A 46 2.72 -13.84 5.93
C MET A 46 3.22 -13.62 7.35
N ALA A 47 3.68 -14.68 8.01
CA ALA A 47 4.14 -14.57 9.38
C ALA A 47 5.43 -13.77 9.47
N ASP A 48 6.30 -13.95 8.48
CA ASP A 48 7.57 -13.21 8.42
C ASP A 48 7.27 -11.72 8.20
N THR A 49 6.33 -11.45 7.31
CA THR A 49 5.87 -10.09 7.05
C THR A 49 5.40 -9.42 8.36
N ALA A 50 4.58 -10.12 9.14
CA ALA A 50 4.11 -9.60 10.43
C ALA A 50 5.26 -9.36 11.39
N GLU A 51 6.27 -10.22 11.34
CA GLU A 51 7.44 -10.08 12.20
C GLU A 51 8.33 -8.87 11.79
N LEU A 52 8.51 -8.69 10.50
CA LEU A 52 9.24 -7.56 9.95
C LEU A 52 8.58 -6.22 10.38
N PHE A 53 7.25 -6.21 10.39
CA PHE A 53 6.48 -5.05 10.84
C PHE A 53 6.72 -4.77 12.33
N ILE A 54 6.72 -5.82 13.15
CA ILE A 54 6.91 -5.61 14.57
C ILE A 54 8.34 -5.14 14.84
N LYS A 55 9.28 -5.60 14.01
CA LYS A 55 10.68 -5.28 14.17
C LYS A 55 11.04 -3.88 13.65
N LYS A 56 10.64 -3.60 12.42
CA LYS A 56 11.17 -2.46 11.69
C LYS A 56 10.19 -1.35 11.35
N SER A 57 8.92 -1.46 11.73
CA SER A 57 7.97 -0.43 11.32
C SER A 57 8.06 0.83 12.18
N GLY A 58 8.67 0.72 13.36
CA GLY A 58 8.74 1.84 14.26
C GLY A 58 7.48 2.04 15.08
N LEU A 59 6.41 1.34 14.70
CA LEU A 59 5.18 1.35 15.47
C LEU A 59 5.24 0.20 16.47
N SER A 60 4.40 0.22 17.50
CA SER A 60 4.55 -0.70 18.60
C SER A 60 3.29 -1.51 18.86
N PRO A 61 3.01 -2.52 18.01
CA PRO A 61 1.89 -3.41 18.25
C PRO A 61 2.21 -4.38 19.38
N LEU A 62 1.23 -4.81 20.17
CA LEU A 62 1.47 -5.78 21.22
C LEU A 62 1.81 -7.14 20.65
N PHE A 63 1.10 -7.55 19.61
CA PHE A 63 1.38 -8.80 18.91
C PHE A 63 0.61 -8.84 17.60
N ALA A 64 0.75 -9.92 16.86
CA ALA A 64 0.03 -10.09 15.62
C ALA A 64 -0.64 -11.46 15.55
N TYR A 65 -1.71 -11.53 14.79
CA TYR A 65 -2.41 -12.79 14.60
C TYR A 65 -2.76 -12.92 13.14
N THR A 66 -2.27 -13.99 12.49
CA THR A 66 -2.46 -14.13 11.05
C THR A 66 -2.96 -15.51 10.63
N PHE A 67 -3.80 -15.52 9.58
CA PHE A 67 -4.18 -16.79 8.95
C PHE A 67 -4.71 -16.40 7.60
N SER A 68 -4.70 -17.32 6.65
CA SER A 68 -5.25 -17.01 5.32
C SER A 68 -4.55 -15.74 4.80
N ASP A 69 -5.29 -14.73 4.32
CA ASP A 69 -4.67 -13.53 3.79
C ASP A 69 -4.68 -12.35 4.73
N GLU A 70 -4.88 -12.61 6.02
CA GLU A 70 -5.12 -11.51 6.93
C GLU A 70 -4.13 -11.46 8.08
N ILE A 71 -3.90 -10.24 8.60
CA ILE A 71 -3.06 -10.04 9.77
C ILE A 71 -3.72 -8.98 10.66
N SER A 72 -3.90 -9.32 11.94
CA SER A 72 -4.47 -8.39 12.89
C SER A 72 -3.40 -7.92 13.85
N PHE A 73 -3.37 -6.63 14.16
CA PHE A 73 -2.39 -6.12 15.09
C PHE A 73 -3.11 -5.46 16.24
N LEU A 74 -2.68 -5.74 17.46
CA LEU A 74 -3.22 -5.05 18.62
C LEU A 74 -2.33 -3.89 19.02
N PHE A 75 -2.90 -2.70 19.06
CA PHE A 75 -2.22 -1.53 19.60
C PHE A 75 -2.95 -1.02 20.85
N THR A 76 -2.22 -0.88 21.95
CA THR A 76 -2.70 -0.08 23.07
C THR A 76 -2.02 1.30 22.98
N ASP A 77 -0.85 1.33 22.36
CA ASP A 77 -0.15 2.58 22.07
C ASP A 77 -0.36 2.98 20.61
N LEU A 78 -1.10 4.07 20.43
CA LEU A 78 -1.59 4.47 19.11
C LEU A 78 -0.57 5.20 18.28
N PRO A 79 -0.23 4.64 17.11
CA PRO A 79 0.64 5.34 16.16
C PRO A 79 0.00 6.60 15.61
N PHE A 80 0.83 7.56 15.21
CA PHE A 80 0.41 8.80 14.55
C PHE A 80 -0.72 9.55 15.26
N ASP A 81 -0.69 9.52 16.59
CA ASP A 81 -1.69 10.21 17.40
C ASP A 81 -3.11 9.75 17.03
N GLY A 82 -3.25 8.49 16.61
CA GLY A 82 -4.58 7.95 16.35
C GLY A 82 -5.20 8.36 15.04
N ARG A 83 -4.40 8.93 14.14
CA ARG A 83 -4.90 9.40 12.85
C ARG A 83 -5.19 8.26 11.88
N VAL A 84 -6.46 8.10 11.54
CA VAL A 84 -6.95 6.91 10.87
C VAL A 84 -6.37 6.73 9.47
N GLU A 85 -6.38 7.79 8.66
CA GLU A 85 -5.88 7.69 7.28
C GLU A 85 -4.43 7.30 7.30
N LYS A 86 -3.71 7.90 8.22
CA LYS A 86 -2.29 7.66 8.31
C LYS A 86 -2.00 6.22 8.74
N ILE A 87 -2.67 5.76 9.80
CA ILE A 87 -2.50 4.41 10.31
C ILE A 87 -2.85 3.36 9.27
N ASP A 88 -4.04 3.47 8.66
CA ASP A 88 -4.47 2.50 7.65
C ASP A 88 -3.54 2.48 6.43
N SER A 89 -3.16 3.66 5.93
CA SER A 89 -2.36 3.71 4.73
C SER A 89 -0.93 3.21 4.98
N VAL A 90 -0.27 3.72 6.02
CA VAL A 90 1.11 3.34 6.25
C VAL A 90 1.27 1.85 6.60
N VAL A 91 0.32 1.30 7.36
CA VAL A 91 0.43 -0.09 7.79
C VAL A 91 0.19 -1.01 6.59
N ALA A 92 -0.82 -0.72 5.77
CA ALA A 92 -1.07 -1.55 4.59
C ALA A 92 0.08 -1.49 3.57
N SER A 93 0.72 -0.32 3.50
CA SER A 93 1.80 -0.04 2.59
C SER A 93 3.05 -0.79 3.03
N PHE A 94 3.39 -0.66 4.31
CA PHE A 94 4.50 -1.41 4.85
C PHE A 94 4.35 -2.93 4.61
N LEU A 95 3.17 -3.45 4.88
CA LEU A 95 2.89 -4.89 4.69
C LEU A 95 3.00 -5.30 3.24
N GLY A 96 2.48 -4.46 2.36
CA GLY A 96 2.60 -4.69 0.93
C GLY A 96 4.07 -4.74 0.51
N SER A 97 4.88 -3.81 1.02
CA SER A 97 6.32 -3.82 0.73
C SER A 97 7.01 -5.06 1.25
N ALA A 98 6.73 -5.40 2.51
CA ALA A 98 7.38 -6.53 3.18
C ALA A 98 7.02 -7.86 2.51
N LEU A 99 5.74 -8.10 2.23
CA LEU A 99 5.33 -9.35 1.59
C LEU A 99 5.92 -9.43 0.20
N THR A 100 6.01 -8.29 -0.48
CA THR A 100 6.58 -8.25 -1.83
C THR A 100 8.07 -8.69 -1.77
N ILE A 101 8.72 -8.37 -0.66
CA ILE A 101 10.09 -8.79 -0.45
C ILE A 101 10.18 -10.27 -0.09
N LYS A 102 9.38 -10.71 0.88
CA LYS A 102 9.43 -12.09 1.37
C LYS A 102 9.19 -13.08 0.24
N LEU A 103 8.31 -12.73 -0.68
CA LEU A 103 8.01 -13.56 -1.84
C LEU A 103 8.78 -13.19 -3.13
N ARG A 104 9.64 -12.17 -3.07
CA ARG A 104 10.30 -11.59 -4.27
C ARG A 104 9.37 -11.52 -5.48
N LEU A 105 8.25 -10.82 -5.34
CA LEU A 105 7.23 -10.80 -6.38
C LEU A 105 7.68 -10.04 -7.61
N GLU A 106 7.09 -10.40 -8.76
CA GLU A 106 7.36 -9.73 -10.02
C GLU A 106 6.21 -8.78 -10.38
N GLU A 107 5.04 -9.03 -9.79
CA GLU A 107 3.87 -8.19 -10.00
C GLU A 107 3.34 -7.71 -8.66
N PRO A 108 2.83 -6.48 -8.63
CA PRO A 108 2.46 -5.88 -7.35
C PRO A 108 1.21 -6.48 -6.71
N ILE A 109 1.19 -6.54 -5.39
CA ILE A 109 0.01 -6.91 -4.63
C ILE A 109 -0.42 -5.73 -3.75
N ALA A 110 -1.53 -5.91 -3.03
CA ALA A 110 -2.03 -4.87 -2.13
C ALA A 110 -2.82 -5.48 -0.97
N PHE A 111 -2.58 -4.97 0.24
CA PHE A 111 -3.46 -5.13 1.40
C PHE A 111 -4.45 -3.98 1.54
N ASP A 112 -5.65 -4.29 2.03
CA ASP A 112 -6.52 -3.27 2.57
C ASP A 112 -6.27 -3.20 4.06
N SER A 113 -6.90 -2.26 4.74
CA SER A 113 -6.65 -2.10 6.16
C SER A 113 -7.86 -1.42 6.77
N ARG A 114 -8.19 -1.81 8.01
CA ARG A 114 -9.29 -1.19 8.77
C ARG A 114 -9.04 -1.22 10.27
N LEU A 115 -9.54 -0.22 10.96
CA LEU A 115 -9.45 -0.12 12.40
C LEU A 115 -10.67 -0.72 13.05
N VAL A 116 -10.45 -1.48 14.11
CA VAL A 116 -11.54 -2.09 14.86
C VAL A 116 -11.51 -1.42 16.22
N ALA A 117 -12.54 -0.66 16.55
CA ALA A 117 -12.58 0.02 17.85
C ALA A 117 -13.20 -0.90 18.89
N LEU A 118 -12.49 -1.05 20.00
CA LEU A 118 -12.83 -2.04 21.02
C LEU A 118 -12.67 -1.42 22.39
N GLN A 119 -13.44 -1.90 23.34
CA GLN A 119 -13.15 -1.58 24.72
C GLN A 119 -12.20 -2.65 25.23
N LYS A 120 -11.37 -2.30 26.20
CA LYS A 120 -10.34 -3.23 26.68
C LYS A 120 -10.88 -4.62 27.04
N GLU A 121 -12.12 -4.66 27.53
CA GLU A 121 -12.69 -5.93 27.96
C GLU A 121 -13.22 -6.77 26.79
N GLU A 122 -13.37 -6.17 25.62
CA GLU A 122 -13.88 -6.87 24.45
C GLU A 122 -12.76 -7.46 23.60
N ILE A 123 -11.52 -7.18 23.99
CA ILE A 123 -10.38 -7.56 23.16
C ILE A 123 -10.25 -9.08 23.00
N PRO A 124 -10.38 -9.86 24.10
CA PRO A 124 -10.32 -11.31 23.89
C PRO A 124 -11.36 -11.83 22.90
N GLU A 125 -12.57 -11.29 22.99
CA GLU A 125 -13.67 -11.75 22.15
C GLU A 125 -13.40 -11.45 20.68
N TYR A 126 -12.68 -10.36 20.43
CA TYR A 126 -12.28 -10.05 19.05
C TYR A 126 -11.45 -11.20 18.43
N PHE A 127 -10.45 -11.66 19.16
CA PHE A 127 -9.55 -12.66 18.59
C PHE A 127 -10.24 -14.02 18.51
N HIS A 128 -11.13 -14.29 19.46
CA HIS A 128 -11.99 -15.47 19.35
C HIS A 128 -12.79 -15.45 18.06
N ARG A 129 -13.37 -14.31 17.70
CA ARG A 129 -14.15 -14.22 16.48
C ARG A 129 -13.27 -14.42 15.26
N ARG A 130 -12.05 -13.90 15.33
CA ARG A 130 -11.06 -14.12 14.28
C ARG A 130 -10.69 -15.61 14.13
N GLN A 131 -10.29 -16.23 15.23
CA GLN A 131 -9.95 -17.66 15.20
C GLN A 131 -11.10 -18.52 14.66
N LEU A 132 -12.33 -18.12 14.98
CA LEU A 132 -13.50 -18.84 14.47
C LEU A 132 -13.63 -18.65 12.97
N GLU A 133 -13.32 -17.47 12.46
CA GLU A 133 -13.28 -17.28 11.00
C GLU A 133 -12.11 -18.10 10.37
N ALA A 134 -11.00 -18.22 11.08
CA ALA A 134 -9.92 -19.09 10.62
C ALA A 134 -10.42 -20.55 10.46
N TRP A 135 -11.09 -21.06 11.49
CA TRP A 135 -11.66 -22.41 11.44
C TRP A 135 -12.61 -22.58 10.27
N ARG A 136 -13.54 -21.63 10.12
CA ARG A 136 -14.52 -21.69 9.05
C ARG A 136 -13.88 -21.66 7.67
N ASN A 137 -12.81 -20.88 7.53
CA ASN A 137 -12.13 -20.81 6.24
C ASN A 137 -11.34 -22.09 5.99
N PHE A 138 -10.76 -22.64 7.04
CA PHE A 138 -10.08 -23.93 6.98
C PHE A 138 -10.99 -25.02 6.39
N VAL A 139 -12.13 -25.25 7.04
CA VAL A 139 -13.13 -26.22 6.59
C VAL A 139 -13.55 -26.04 5.14
N ALA A 140 -13.87 -24.80 4.77
CA ALA A 140 -14.32 -24.49 3.41
C ALA A 140 -13.24 -24.78 2.36
N SER A 141 -11.98 -24.48 2.69
CA SER A 141 -10.90 -24.66 1.71
C SER A 141 -10.72 -26.13 1.38
N TRP A 142 -10.53 -26.93 2.42
CA TRP A 142 -10.33 -28.36 2.27
C TRP A 142 -11.53 -29.03 1.60
N GLY A 143 -12.73 -28.64 2.01
CA GLY A 143 -13.92 -29.12 1.36
C GLY A 143 -13.89 -28.83 -0.12
N TYR A 144 -13.58 -27.58 -0.47
CA TYR A 144 -13.49 -27.17 -1.87
C TYR A 144 -12.46 -28.00 -2.64
N TYR A 145 -11.28 -28.13 -2.04
CA TYR A 145 -10.19 -28.90 -2.60
C TYR A 145 -10.60 -30.35 -2.93
N ALA A 146 -11.16 -31.05 -1.94
CA ALA A 146 -11.52 -32.46 -2.11
C ALA A 146 -12.56 -32.64 -3.19
N LEU A 147 -13.57 -31.77 -3.17
CA LEU A 147 -14.62 -31.76 -4.18
C LEU A 147 -14.05 -31.62 -5.58
N ARG A 148 -13.28 -30.55 -5.78
CA ARG A 148 -12.66 -30.27 -7.08
C ARG A 148 -11.87 -31.48 -7.57
N ASN A 149 -11.25 -32.19 -6.62
CA ASN A 149 -10.46 -33.36 -6.93
C ASN A 149 -11.27 -34.62 -7.17
N GLU A 150 -12.59 -34.46 -7.24
CA GLU A 150 -13.50 -35.53 -7.55
C GLU A 150 -13.97 -35.37 -8.99
N GLY A 151 -13.64 -34.22 -9.57
CA GLY A 151 -14.11 -33.87 -10.90
C GLY A 151 -15.21 -32.84 -10.82
N MET A 152 -15.44 -32.30 -9.63
CA MET A 152 -16.41 -31.24 -9.43
C MET A 152 -16.07 -30.01 -10.25
N GLY A 153 -17.10 -29.31 -10.72
CA GLY A 153 -16.92 -28.06 -11.42
C GLY A 153 -16.75 -26.94 -10.44
N ARG A 154 -16.09 -25.87 -10.88
CA ARG A 154 -15.82 -24.68 -10.08
C ARG A 154 -17.05 -24.22 -9.29
N ASN A 155 -18.06 -23.77 -10.00
CA ASN A 155 -19.28 -23.26 -9.38
C ASN A 155 -20.05 -24.34 -8.62
N GLU A 156 -19.96 -25.58 -9.11
CA GLU A 156 -20.74 -26.67 -8.53
C GLU A 156 -20.25 -27.02 -7.13
N ALA A 157 -18.93 -27.10 -6.99
CA ALA A 157 -18.32 -27.32 -5.69
C ALA A 157 -18.70 -26.19 -4.75
N ALA A 158 -18.74 -24.98 -5.29
CA ALA A 158 -19.08 -23.80 -4.49
C ALA A 158 -20.49 -23.90 -3.94
N LYS A 159 -21.38 -24.51 -4.72
CA LYS A 159 -22.77 -24.68 -4.30
C LYS A 159 -22.88 -25.71 -3.19
N TYR A 160 -22.25 -26.88 -3.40
CA TYR A 160 -22.21 -27.94 -2.40
C TYR A 160 -21.83 -27.41 -1.01
N LEU A 161 -20.80 -26.57 -0.95
CA LEU A 161 -20.30 -26.05 0.32
C LEU A 161 -21.32 -25.19 1.08
N LYS A 162 -22.13 -24.44 0.34
CA LYS A 162 -23.15 -23.62 0.96
C LYS A 162 -24.32 -24.46 1.45
N ARG A 163 -24.73 -25.43 0.63
CA ARG A 163 -25.87 -26.27 0.93
C ARG A 163 -25.66 -27.09 2.20
N LYS A 164 -24.60 -27.89 2.23
CA LYS A 164 -24.37 -28.83 3.32
C LYS A 164 -23.87 -28.14 4.59
N LYS A 165 -24.13 -28.79 5.72
CA LYS A 165 -23.70 -28.28 7.02
C LYS A 165 -22.23 -28.67 7.25
N GLU A 166 -21.59 -28.02 8.22
CA GLU A 166 -20.20 -28.33 8.54
C GLU A 166 -20.04 -29.80 8.91
N SER A 167 -21.01 -30.36 9.60
CA SER A 167 -20.93 -31.74 10.05
C SER A 167 -20.86 -32.70 8.86
N GLU A 168 -21.52 -32.33 7.76
CA GLU A 168 -21.53 -33.17 6.56
C GLU A 168 -20.24 -33.02 5.73
N ILE A 169 -19.70 -31.80 5.69
CA ILE A 169 -18.45 -31.57 4.98
C ILE A 169 -17.35 -32.34 5.68
N HIS A 170 -17.38 -32.34 7.01
CA HIS A 170 -16.44 -33.10 7.82
C HIS A 170 -16.49 -34.59 7.51
N GLU A 171 -17.71 -35.13 7.49
CA GLU A 171 -17.91 -36.55 7.20
C GLU A 171 -17.44 -36.86 5.78
N MET A 172 -17.75 -35.95 4.86
CA MET A 172 -17.32 -36.10 3.47
C MET A 172 -15.80 -36.12 3.36
N LEU A 173 -15.11 -35.24 4.09
CA LEU A 173 -13.66 -35.23 4.07
C LEU A 173 -13.12 -36.50 4.69
N PHE A 174 -13.84 -37.00 5.69
CA PHE A 174 -13.36 -38.16 6.42
C PHE A 174 -13.46 -39.42 5.58
N GLU A 175 -14.49 -39.52 4.74
CA GLU A 175 -14.66 -40.68 3.84
C GLU A 175 -13.49 -40.85 2.89
N ARG A 176 -12.93 -39.71 2.46
CA ARG A 176 -11.91 -39.67 1.43
C ARG A 176 -10.50 -39.80 1.97
N GLY A 177 -10.36 -39.76 3.28
CA GLY A 177 -9.04 -39.98 3.88
C GLY A 177 -8.47 -38.71 4.49
N ILE A 178 -9.25 -37.64 4.44
CA ILE A 178 -8.86 -36.36 5.02
C ILE A 178 -9.50 -36.13 6.37
N ASN A 179 -8.65 -36.06 7.39
CA ASN A 179 -9.10 -35.86 8.76
C ASN A 179 -8.85 -34.41 9.25
N LEU A 180 -9.90 -33.59 9.34
CA LEU A 180 -9.78 -32.17 9.70
C LEU A 180 -9.09 -31.94 11.03
N ALA A 181 -9.23 -32.90 11.95
CA ALA A 181 -8.72 -32.70 13.30
C ALA A 181 -7.20 -32.78 13.37
N THR A 182 -6.57 -33.42 12.41
CA THR A 182 -5.13 -33.65 12.54
C THR A 182 -4.28 -32.94 11.48
N LEU A 183 -4.91 -32.30 10.53
CA LEU A 183 -4.22 -31.39 9.62
C LEU A 183 -3.48 -30.32 10.45
N PRO A 184 -2.40 -29.73 9.89
CA PRO A 184 -1.52 -28.87 10.70
C PRO A 184 -2.24 -27.71 11.45
N SER A 185 -1.79 -27.44 12.67
CA SER A 185 -2.44 -26.46 13.55
C SER A 185 -2.54 -25.05 12.92
N TRP A 186 -1.46 -24.62 12.27
CA TRP A 186 -1.42 -23.27 11.69
C TRP A 186 -2.55 -23.08 10.68
N GLN A 187 -2.92 -24.15 9.97
CA GLN A 187 -4.05 -24.03 9.04
C GLN A 187 -5.40 -23.87 9.76
N ARG A 188 -5.55 -24.54 10.91
CA ARG A 188 -6.85 -24.61 11.57
C ARG A 188 -7.03 -23.40 12.46
N ARG A 189 -5.92 -22.91 13.02
CA ARG A 189 -5.98 -21.95 14.11
C ARG A 189 -5.19 -20.65 13.91
N GLY A 190 -4.33 -20.60 12.90
CA GLY A 190 -3.50 -19.43 12.65
C GLY A 190 -2.24 -19.37 13.50
N VAL A 191 -1.50 -18.28 13.35
CA VAL A 191 -0.18 -18.14 13.95
C VAL A 191 -0.10 -16.84 14.74
N ILE A 192 0.53 -16.89 15.91
CA ILE A 192 0.72 -15.70 16.71
C ILE A 192 2.17 -15.22 16.65
N ILE A 193 2.38 -13.94 16.38
CA ILE A 193 3.72 -13.39 16.34
C ILE A 193 3.80 -12.31 17.42
N SER A 194 4.77 -12.45 18.32
CA SER A 194 4.85 -11.53 19.45
C SER A 194 6.27 -11.41 20.00
N LYS A 195 6.51 -10.33 20.73
CA LYS A 195 7.82 -10.06 21.34
C LYS A 195 7.97 -10.74 22.70
N GLU A 196 9.04 -11.53 22.84
CA GLU A 196 9.42 -12.21 24.10
C GLU A 196 8.24 -12.79 24.86
N LYS A 217 12.97 -10.34 22.09
CA LYS A 217 13.04 -11.08 20.83
C LYS A 217 11.65 -11.46 20.31
N ILE A 218 11.53 -11.60 18.99
CA ILE A 218 10.23 -11.85 18.35
C ILE A 218 10.06 -13.30 17.97
N THR A 219 8.93 -13.90 18.38
CA THR A 219 8.67 -15.33 18.25
C THR A 219 7.38 -15.62 17.48
N GLN A 220 7.46 -16.57 16.56
CA GLN A 220 6.31 -17.03 15.81
C GLN A 220 5.82 -18.33 16.43
N ASN A 221 4.60 -18.30 16.98
CA ASN A 221 4.01 -19.49 17.57
C ASN A 221 3.08 -20.18 16.58
N TRP A 222 3.55 -21.30 16.06
CA TRP A 222 2.81 -22.03 15.05
C TRP A 222 1.87 -23.07 15.65
N GLU A 223 1.83 -23.16 16.98
CA GLU A 223 0.98 -24.16 17.64
C GLU A 223 0.24 -23.54 18.80
N ILE A 224 -0.81 -22.81 18.47
CA ILE A 224 -1.52 -22.05 19.48
C ILE A 224 -2.76 -22.77 19.95
N PRO A 225 -3.15 -22.54 21.21
CA PRO A 225 -4.41 -23.06 21.75
C PRO A 225 -5.63 -22.39 21.10
N LYS A 226 -6.79 -23.05 21.13
CA LYS A 226 -8.05 -22.35 20.89
C LYS A 226 -8.22 -21.34 22.00
N PHE A 227 -8.54 -20.09 21.65
CA PHE A 227 -8.46 -18.97 22.61
C PHE A 227 -9.43 -19.08 23.79
N LYS A 228 -10.56 -19.74 23.59
CA LYS A 228 -11.55 -19.85 24.68
C LYS A 228 -11.58 -21.22 25.35
N SER A 229 -10.44 -21.88 25.37
CA SER A 229 -10.29 -23.16 26.05
C SER A 229 -9.59 -22.95 27.39
N GLU A 230 -9.26 -24.06 28.05
CA GLU A 230 -8.63 -24.04 29.37
C GLU A 230 -7.28 -23.32 29.33
N LYS A 231 -6.41 -23.75 28.42
CA LYS A 231 -5.09 -23.16 28.26
C LYS A 231 -5.14 -21.85 27.47
N GLY A 232 -6.11 -21.74 26.58
CA GLY A 232 -6.26 -20.57 25.72
C GLY A 232 -6.57 -19.27 26.47
N ILE A 233 -7.45 -19.34 27.47
CA ILE A 233 -7.86 -18.16 28.21
C ILE A 233 -6.67 -17.41 28.82
N PRO A 234 -5.79 -18.11 29.57
CA PRO A 234 -4.68 -17.29 30.09
C PRO A 234 -3.59 -17.04 29.04
N PHE A 235 -3.58 -17.82 27.96
CA PHE A 235 -2.65 -17.57 26.86
C PHE A 235 -2.90 -16.20 26.23
N LEU A 236 -4.17 -15.88 26.00
CA LEU A 236 -4.54 -14.61 25.39
C LEU A 236 -4.32 -13.43 26.34
N GLU A 237 -4.59 -13.65 27.63
CA GLU A 237 -4.45 -12.57 28.60
C GLU A 237 -2.99 -12.16 28.77
N LYS A 238 -2.07 -13.12 28.64
CA LYS A 238 -0.64 -12.80 28.72
C LYS A 238 -0.21 -11.92 27.54
N LEU A 239 -0.72 -12.25 26.36
CA LEU A 239 -0.41 -11.49 25.16
C LEU A 239 -0.93 -10.05 25.27
N ILE A 240 -2.12 -9.90 25.84
CA ILE A 240 -2.73 -8.59 26.05
C ILE A 240 -2.13 -7.84 27.25
N ASN A 241 -1.57 -8.57 28.20
CA ASN A 241 -1.08 -8.05 29.49
C ASN A 241 -2.24 -7.57 30.35
N THR B 3 -21.13 -3.39 15.16
CA THR B 3 -20.35 -2.43 14.37
C THR B 3 -19.15 -1.90 15.16
N ARG B 4 -18.04 -2.63 15.15
CA ARG B 4 -16.83 -2.10 15.77
C ARG B 4 -15.91 -1.48 14.72
N GLU B 5 -16.17 -1.76 13.45
CA GLU B 5 -15.41 -1.19 12.35
C GLU B 5 -15.99 0.17 11.99
N ILE B 6 -15.74 1.16 12.82
CA ILE B 6 -16.55 2.37 12.74
C ILE B 6 -16.13 3.29 11.58
N TYR B 7 -14.92 3.13 11.06
CA TYR B 7 -14.48 4.02 9.98
C TYR B 7 -14.77 3.42 8.63
N ALA B 8 -15.22 2.17 8.61
CA ALA B 8 -15.35 1.39 7.38
C ALA B 8 -16.43 1.88 6.44
N GLU B 9 -17.38 2.66 6.94
CA GLU B 9 -18.47 3.13 6.09
C GLU B 9 -18.26 4.59 5.64
N MET B 10 -17.25 5.24 6.23
CA MET B 10 -16.87 6.60 5.87
C MET B 10 -16.54 6.80 4.39
N ARG B 11 -17.16 7.81 3.78
CA ARG B 11 -17.13 7.96 2.32
C ARG B 11 -16.77 9.34 1.76
N CYS B 12 -16.33 9.33 0.51
CA CYS B 12 -16.10 10.56 -0.24
C CYS B 12 -16.91 10.51 -1.51
N ILE B 13 -16.99 11.66 -2.18
CA ILE B 13 -17.70 11.81 -3.44
C ILE B 13 -16.69 12.38 -4.44
N PRO B 14 -16.87 12.11 -5.75
CA PRO B 14 -15.96 12.67 -6.76
C PRO B 14 -16.19 14.18 -6.97
N PRO B 15 -15.19 14.90 -7.50
CA PRO B 15 -13.86 14.37 -7.81
C PRO B 15 -12.98 14.41 -6.59
N VAL B 16 -11.98 13.56 -6.61
CA VAL B 16 -11.10 13.46 -5.48
C VAL B 16 -9.70 13.21 -5.99
N VAL B 17 -8.74 13.77 -5.28
CA VAL B 17 -7.35 13.46 -5.49
C VAL B 17 -6.86 12.62 -4.35
N LEU B 18 -6.21 11.51 -4.67
CA LEU B 18 -5.48 10.77 -3.66
C LEU B 18 -4.02 11.20 -3.68
N ARG B 19 -3.48 11.64 -2.56
CA ARG B 19 -2.08 11.96 -2.53
C ARG B 19 -1.34 10.99 -1.64
N ALA B 20 -0.31 10.37 -2.21
CA ALA B 20 0.51 9.38 -1.54
C ALA B 20 1.91 9.92 -1.37
N ASP B 21 2.44 9.81 -0.17
CA ASP B 21 3.74 10.38 0.09
C ASP B 21 4.64 9.36 0.78
N GLY B 22 5.84 9.14 0.25
CA GLY B 22 6.82 8.30 0.91
C GLY B 22 6.99 8.70 2.37
N ARG B 23 6.97 7.70 3.26
CA ARG B 23 7.21 7.94 4.67
C ARG B 23 8.69 7.80 5.00
N ASN B 24 9.32 8.88 5.42
CA ASN B 24 10.70 8.80 5.93
C ASN B 24 11.69 8.10 4.96
N PHE B 25 11.47 8.24 3.65
CA PHE B 25 12.39 7.68 2.65
C PHE B 25 13.84 8.12 2.88
N LYS B 26 14.04 9.31 3.44
CA LYS B 26 15.39 9.82 3.67
C LYS B 26 16.19 8.91 4.60
N ASN B 27 15.48 8.13 5.42
CA ASN B 27 16.14 7.18 6.30
C ASN B 27 16.05 5.73 5.78
N THR B 28 14.88 5.35 5.29
CA THR B 28 14.61 3.97 4.92
C THR B 28 15.24 3.62 3.57
N LEU B 29 15.60 4.65 2.80
CA LEU B 29 16.33 4.45 1.56
C LEU B 29 17.79 4.93 1.69
N SER B 30 18.19 5.34 2.89
CA SER B 30 19.56 5.82 3.11
C SER B 30 20.55 4.67 3.04
N GLY B 31 21.77 4.96 2.58
CA GLY B 31 22.84 3.97 2.59
C GLY B 31 22.63 2.87 1.57
N LEU B 32 21.81 3.15 0.57
CA LEU B 32 21.46 2.16 -0.44
C LEU B 32 22.17 2.45 -1.76
N GLY B 33 22.86 3.58 -1.82
CA GLY B 33 23.67 3.92 -2.98
C GLY B 33 22.97 4.81 -4.00
N PHE B 34 21.94 5.54 -3.56
CA PHE B 34 21.28 6.49 -4.44
C PHE B 34 22.10 7.76 -4.57
N GLU B 35 22.26 8.20 -5.82
CA GLU B 35 22.94 9.44 -6.14
C GLU B 35 22.27 10.62 -5.41
N LYS B 36 23.07 11.52 -4.89
CA LYS B 36 22.55 12.71 -4.22
C LYS B 36 22.86 13.96 -5.05
N PRO B 37 21.97 14.99 -5.01
CA PRO B 37 20.72 15.03 -4.25
C PRO B 37 19.54 14.55 -5.10
N TYR B 38 19.83 14.22 -6.35
CA TYR B 38 18.83 13.71 -7.26
C TYR B 38 19.36 12.45 -7.92
N ASP B 39 18.55 11.39 -7.89
CA ASP B 39 18.89 10.17 -8.60
C ASP B 39 17.81 9.92 -9.63
N LYS B 40 18.18 9.97 -10.90
CA LYS B 40 17.20 9.79 -11.96
C LYS B 40 16.65 8.34 -12.05
N THR B 41 17.38 7.37 -11.50
CA THR B 41 16.86 6.01 -11.47
C THR B 41 15.69 5.96 -10.48
N PHE B 42 15.82 6.65 -9.34
CA PHE B 42 14.71 6.73 -8.39
C PHE B 42 13.49 7.43 -9.00
N ALA B 43 13.73 8.56 -9.66
CA ALA B 43 12.65 9.31 -10.31
C ALA B 43 11.94 8.49 -11.39
N ARG B 44 12.71 7.70 -12.14
CA ARG B 44 12.12 6.75 -13.09
C ARG B 44 11.25 5.71 -12.37
N ALA B 45 11.70 5.25 -11.21
CA ALA B 45 10.98 4.20 -10.49
C ALA B 45 9.62 4.74 -9.99
N MET B 46 9.60 6.00 -9.55
CA MET B 46 8.39 6.67 -9.11
C MET B 46 7.42 6.80 -10.26
N ALA B 47 7.91 7.28 -11.40
CA ALA B 47 7.04 7.45 -12.55
C ALA B 47 6.55 6.06 -13.02
N ASP B 48 7.45 5.07 -13.03
CA ASP B 48 7.08 3.71 -13.43
C ASP B 48 6.08 3.10 -12.43
N THR B 49 6.24 3.45 -11.16
CA THR B 49 5.28 3.01 -10.17
C THR B 49 3.87 3.58 -10.41
N ALA B 50 3.79 4.86 -10.77
CA ALA B 50 2.49 5.48 -11.06
C ALA B 50 1.89 4.83 -12.28
N GLU B 51 2.74 4.51 -13.25
CA GLU B 51 2.29 3.86 -14.47
C GLU B 51 1.78 2.44 -14.20
N LEU B 52 2.47 1.71 -13.33
CA LEU B 52 2.07 0.36 -12.99
C LEU B 52 0.68 0.38 -12.30
N PHE B 53 0.47 1.35 -11.42
CA PHE B 53 -0.82 1.58 -10.77
C PHE B 53 -1.90 1.83 -11.81
N ILE B 54 -1.60 2.72 -12.75
CA ILE B 54 -2.57 3.06 -13.79
C ILE B 54 -2.90 1.85 -14.66
N LYS B 55 -1.93 0.95 -14.84
CA LYS B 55 -2.10 -0.19 -15.74
C LYS B 55 -2.70 -1.42 -15.08
N LYS B 56 -2.30 -1.69 -13.84
CA LYS B 56 -2.54 -3.00 -13.23
C LYS B 56 -3.39 -2.99 -11.97
N SER B 57 -3.69 -1.81 -11.42
CA SER B 57 -4.38 -1.76 -10.12
C SER B 57 -5.89 -2.00 -10.23
N GLY B 58 -6.44 -1.83 -11.42
CA GLY B 58 -7.86 -2.02 -11.64
C GLY B 58 -8.67 -0.79 -11.28
N LEU B 59 -8.03 0.16 -10.60
CA LEU B 59 -8.69 1.43 -10.32
C LEU B 59 -8.43 2.36 -11.51
N SER B 60 -9.29 3.37 -11.70
CA SER B 60 -9.23 4.17 -12.93
C SER B 60 -8.96 5.66 -12.72
N PRO B 61 -7.72 6.05 -12.41
CA PRO B 61 -7.44 7.48 -12.28
C PRO B 61 -7.27 8.14 -13.65
N LEU B 62 -7.63 9.40 -13.80
CA LEU B 62 -7.42 10.09 -15.08
C LEU B 62 -5.93 10.22 -15.39
N PHE B 63 -5.13 10.55 -14.39
CA PHE B 63 -3.69 10.71 -14.54
C PHE B 63 -3.00 10.79 -13.19
N ALA B 64 -1.68 10.76 -13.19
CA ALA B 64 -0.89 10.87 -11.97
C ALA B 64 0.09 12.00 -12.12
N TYR B 65 0.55 12.54 -11.00
CA TYR B 65 1.50 13.64 -10.97
C TYR B 65 2.49 13.32 -9.86
N THR B 66 3.78 13.28 -10.17
CA THR B 66 4.76 12.88 -9.15
C THR B 66 6.00 13.76 -9.13
N PHE B 67 6.52 13.98 -7.93
CA PHE B 67 7.84 14.64 -7.76
C PHE B 67 8.31 14.27 -6.36
N SER B 68 9.62 14.34 -6.11
CA SER B 68 10.24 13.80 -4.89
C SER B 68 9.61 12.46 -4.53
N ASP B 69 8.97 12.40 -3.36
CA ASP B 69 8.46 11.14 -2.86
C ASP B 69 6.94 11.04 -2.93
N GLU B 70 6.28 11.93 -3.68
CA GLU B 70 4.83 11.97 -3.66
C GLU B 70 4.23 11.63 -5.01
N ILE B 71 3.06 11.02 -4.97
CA ILE B 71 2.28 10.77 -6.17
C ILE B 71 0.83 11.18 -5.90
N SER B 72 0.28 12.01 -6.78
CA SER B 72 -1.10 12.44 -6.71
C SER B 72 -1.89 11.80 -7.84
N PHE B 73 -3.04 11.20 -7.53
CA PHE B 73 -3.91 10.65 -8.55
C PHE B 73 -5.23 11.42 -8.57
N LEU B 74 -5.72 11.76 -9.74
CA LEU B 74 -7.04 12.39 -9.85
C LEU B 74 -8.06 11.33 -10.24
N PHE B 75 -9.09 11.18 -9.40
CA PHE B 75 -10.19 10.26 -9.68
C PHE B 75 -11.49 11.02 -9.98
N THR B 76 -12.11 10.72 -11.12
CA THR B 76 -13.46 11.19 -11.40
C THR B 76 -14.42 10.02 -11.18
N ASP B 77 -13.94 8.82 -11.46
CA ASP B 77 -14.65 7.59 -11.13
C ASP B 77 -14.09 6.97 -9.84
N LEU B 78 -14.91 6.99 -8.79
CA LEU B 78 -14.48 6.58 -7.45
C LEU B 78 -14.39 5.07 -7.26
N PRO B 79 -13.22 4.59 -6.83
CA PRO B 79 -13.01 3.17 -6.54
C PRO B 79 -13.68 2.77 -5.24
N PHE B 80 -13.99 1.49 -5.08
CA PHE B 80 -14.54 0.94 -3.84
C PHE B 80 -15.73 1.71 -3.32
N ASP B 81 -16.54 2.26 -4.21
CA ASP B 81 -17.74 2.98 -3.82
C ASP B 81 -17.41 4.14 -2.88
N GLY B 82 -16.19 4.66 -3.01
CA GLY B 82 -15.79 5.85 -2.27
C GLY B 82 -15.48 5.61 -0.82
N ARG B 83 -15.22 4.36 -0.43
CA ARG B 83 -14.88 4.08 0.97
C ARG B 83 -13.44 4.53 1.27
N VAL B 84 -13.31 5.44 2.23
CA VAL B 84 -12.05 6.13 2.49
C VAL B 84 -10.96 5.19 3.03
N GLU B 85 -11.30 4.37 4.01
CA GLU B 85 -10.32 3.43 4.56
C GLU B 85 -9.79 2.50 3.48
N LYS B 86 -10.70 1.95 2.68
CA LYS B 86 -10.31 1.05 1.60
C LYS B 86 -9.46 1.71 0.49
N ILE B 87 -9.83 2.93 0.08
CA ILE B 87 -9.07 3.63 -0.95
C ILE B 87 -7.67 3.96 -0.47
N ASP B 88 -7.55 4.57 0.71
CA ASP B 88 -6.27 4.95 1.27
C ASP B 88 -5.33 3.78 1.47
N SER B 89 -5.84 2.70 2.05
CA SER B 89 -5.01 1.55 2.39
C SER B 89 -4.59 0.82 1.10
N VAL B 90 -5.53 0.49 0.23
CA VAL B 90 -5.22 -0.30 -0.96
C VAL B 90 -4.29 0.47 -1.90
N VAL B 91 -4.57 1.75 -2.16
CA VAL B 91 -3.67 2.52 -3.03
C VAL B 91 -2.27 2.63 -2.42
N ALA B 92 -2.17 2.98 -1.14
CA ALA B 92 -0.85 3.12 -0.53
C ALA B 92 -0.09 1.78 -0.58
N SER B 93 -0.84 0.68 -0.41
CA SER B 93 -0.29 -0.67 -0.41
C SER B 93 0.22 -1.10 -1.79
N PHE B 94 -0.61 -0.91 -2.81
CA PHE B 94 -0.18 -1.16 -4.17
C PHE B 94 1.12 -0.40 -4.52
N LEU B 95 1.18 0.85 -4.08
CA LEU B 95 2.33 1.72 -4.33
C LEU B 95 3.58 1.25 -3.61
N GLY B 96 3.46 0.91 -2.35
CA GLY B 96 4.59 0.39 -1.58
C GLY B 96 5.18 -0.89 -2.20
N SER B 97 4.30 -1.74 -2.71
CA SER B 97 4.70 -2.98 -3.38
C SER B 97 5.28 -2.73 -4.77
N ALA B 98 4.62 -1.90 -5.59
CA ALA B 98 5.13 -1.53 -6.91
C ALA B 98 6.51 -0.84 -6.81
N LEU B 99 6.69 0.07 -5.86
CA LEU B 99 7.98 0.75 -5.76
C LEU B 99 9.04 -0.25 -5.31
N THR B 100 8.65 -1.13 -4.40
CA THR B 100 9.53 -2.19 -3.92
C THR B 100 9.98 -3.14 -5.06
N ILE B 101 9.10 -3.40 -6.02
CA ILE B 101 9.50 -4.16 -7.21
C ILE B 101 10.42 -3.34 -8.15
N LYS B 102 10.10 -2.06 -8.36
CA LYS B 102 10.83 -1.26 -9.35
C LYS B 102 12.29 -1.00 -8.92
N LEU B 103 12.48 -0.83 -7.62
CA LEU B 103 13.78 -0.56 -7.00
C LEU B 103 14.45 -1.81 -6.41
N ARG B 104 13.83 -2.98 -6.58
CA ARG B 104 14.40 -4.24 -6.08
C ARG B 104 14.89 -4.13 -4.63
N LEU B 105 14.07 -3.51 -3.79
CA LEU B 105 14.43 -3.26 -2.40
C LEU B 105 14.54 -4.53 -1.57
N GLU B 106 15.39 -4.48 -0.55
CA GLU B 106 15.61 -5.62 0.28
C GLU B 106 15.05 -5.37 1.65
N GLU B 107 14.70 -4.11 1.92
CA GLU B 107 14.03 -3.75 3.17
C GLU B 107 12.78 -2.93 2.86
N PRO B 108 11.74 -3.05 3.70
CA PRO B 108 10.43 -2.52 3.30
C PRO B 108 10.32 -1.02 3.47
N ILE B 109 9.53 -0.40 2.58
CA ILE B 109 9.18 1.01 2.68
C ILE B 109 7.66 1.17 2.86
N ALA B 110 7.22 2.40 3.08
CA ALA B 110 5.80 2.66 3.20
C ALA B 110 5.45 4.04 2.61
N PHE B 111 4.32 4.10 1.90
CA PHE B 111 3.64 5.35 1.57
C PHE B 111 2.49 5.60 2.52
N ASP B 112 2.25 6.87 2.84
CA ASP B 112 0.99 7.25 3.49
C ASP B 112 0.00 7.57 2.36
N SER B 113 -1.23 7.88 2.69
CA SER B 113 -2.20 8.27 1.69
C SER B 113 -3.19 9.18 2.36
N ARG B 114 -3.67 10.18 1.63
CA ARG B 114 -4.76 11.02 2.09
C ARG B 114 -5.65 11.36 0.91
N LEU B 115 -6.94 11.50 1.16
CA LEU B 115 -7.86 11.98 0.15
C LEU B 115 -8.02 13.49 0.24
N VAL B 116 -7.96 14.15 -0.91
CA VAL B 116 -8.21 15.57 -1.01
C VAL B 116 -9.59 15.78 -1.63
N ALA B 117 -10.50 16.33 -0.84
CA ALA B 117 -11.86 16.55 -1.29
C ALA B 117 -11.96 17.86 -2.08
N LEU B 118 -12.27 17.76 -3.37
CA LEU B 118 -12.28 18.92 -4.22
C LEU B 118 -13.59 19.09 -4.96
N GLN B 119 -13.86 20.32 -5.38
CA GLN B 119 -14.88 20.60 -6.37
C GLN B 119 -14.20 20.70 -7.71
N LYS B 120 -14.91 20.40 -8.80
CA LYS B 120 -14.32 20.38 -10.15
C LYS B 120 -13.47 21.59 -10.46
N GLU B 121 -14.02 22.77 -10.23
CA GLU B 121 -13.35 24.02 -10.56
C GLU B 121 -12.08 24.27 -9.74
N GLU B 122 -11.92 23.52 -8.64
CA GLU B 122 -10.77 23.66 -7.76
C GLU B 122 -9.57 22.79 -8.18
N ILE B 123 -9.79 21.89 -9.14
CA ILE B 123 -8.77 20.90 -9.47
C ILE B 123 -7.49 21.56 -9.99
N PRO B 124 -7.58 22.44 -11.02
CA PRO B 124 -6.33 23.08 -11.48
C PRO B 124 -5.55 23.75 -10.38
N GLU B 125 -6.24 24.39 -9.44
CA GLU B 125 -5.54 25.11 -8.38
C GLU B 125 -4.82 24.14 -7.43
N TYR B 126 -5.36 22.93 -7.29
CA TYR B 126 -4.71 21.94 -6.46
C TYR B 126 -3.35 21.58 -7.07
N PHE B 127 -3.32 21.36 -8.37
CA PHE B 127 -2.05 21.04 -9.00
C PHE B 127 -1.10 22.24 -9.08
N HIS B 128 -1.62 23.46 -9.11
CA HIS B 128 -0.78 24.65 -8.95
C HIS B 128 -0.01 24.56 -7.65
N ARG B 129 -0.73 24.29 -6.56
CA ARG B 129 -0.09 24.19 -5.25
C ARG B 129 0.92 23.06 -5.16
N ARG B 130 0.61 21.91 -5.74
CA ARG B 130 1.57 20.80 -5.74
C ARG B 130 2.82 21.18 -6.52
N GLN B 131 2.64 21.82 -7.68
CA GLN B 131 3.81 22.23 -8.47
C GLN B 131 4.64 23.29 -7.72
N LEU B 132 3.97 24.16 -6.96
CA LEU B 132 4.69 25.16 -6.20
C LEU B 132 5.53 24.48 -5.12
N GLU B 133 4.97 23.46 -4.49
CA GLU B 133 5.71 22.62 -3.55
C GLU B 133 6.89 21.87 -4.23
N ALA B 134 6.72 21.47 -5.49
CA ALA B 134 7.81 20.83 -6.22
C ALA B 134 8.97 21.83 -6.40
N TRP B 135 8.64 23.08 -6.72
CA TRP B 135 9.67 24.14 -6.80
C TRP B 135 10.42 24.28 -5.49
N ARG B 136 9.68 24.40 -4.40
CA ARG B 136 10.27 24.55 -3.07
C ARG B 136 11.12 23.37 -2.66
N ASN B 137 10.75 22.17 -3.10
CA ASN B 137 11.54 21.00 -2.75
C ASN B 137 12.81 20.93 -3.58
N PHE B 138 12.70 21.38 -4.83
CA PHE B 138 13.83 21.50 -5.73
C PHE B 138 14.93 22.35 -5.09
N VAL B 139 14.54 23.55 -4.64
CA VAL B 139 15.46 24.50 -4.03
C VAL B 139 16.05 23.98 -2.73
N ALA B 140 15.21 23.41 -1.88
CA ALA B 140 15.67 22.85 -0.60
C ALA B 140 16.63 21.67 -0.79
N SER B 141 16.36 20.79 -1.77
CA SER B 141 17.21 19.61 -1.96
C SER B 141 18.60 19.98 -2.44
N TRP B 142 18.66 20.95 -3.35
CA TRP B 142 19.95 21.39 -3.82
C TRP B 142 20.64 22.23 -2.76
N GLY B 143 19.87 23.10 -2.10
CA GLY B 143 20.40 23.92 -1.04
C GLY B 143 21.04 23.10 0.06
N TYR B 144 20.29 22.12 0.54
CA TYR B 144 20.76 21.19 1.56
C TYR B 144 22.03 20.48 1.11
N TYR B 145 21.98 19.92 -0.09
CA TYR B 145 23.11 19.24 -0.69
C TYR B 145 24.39 20.08 -0.67
N ALA B 146 24.26 21.36 -1.06
CA ALA B 146 25.41 22.26 -1.12
C ALA B 146 25.99 22.54 0.26
N LEU B 147 25.12 22.80 1.23
CA LEU B 147 25.57 23.05 2.59
C LEU B 147 26.36 21.86 3.13
N ARG B 148 25.77 20.67 3.06
CA ARG B 148 26.41 19.44 3.54
C ARG B 148 27.79 19.24 2.92
N ASN B 149 27.93 19.54 1.64
CA ASN B 149 29.23 19.50 0.97
C ASN B 149 30.22 20.53 1.54
N GLU B 150 29.68 21.57 2.18
CA GLU B 150 30.51 22.60 2.81
C GLU B 150 30.66 22.28 4.31
N GLY B 151 30.83 20.99 4.61
CA GLY B 151 31.04 20.53 5.97
C GLY B 151 29.92 20.80 6.96
N MET B 152 28.79 21.30 6.48
CA MET B 152 27.66 21.62 7.35
C MET B 152 27.13 20.38 8.06
N GLY B 153 26.39 20.60 9.14
CA GLY B 153 25.78 19.51 9.88
C GLY B 153 24.31 19.36 9.53
N ARG B 154 23.69 18.33 10.09
CA ARG B 154 22.30 18.00 9.78
C ARG B 154 21.34 19.13 10.15
N ASN B 155 21.17 19.35 11.45
CA ASN B 155 20.23 20.37 11.94
C ASN B 155 20.70 21.78 11.64
N GLU B 156 22.02 21.93 11.50
CA GLU B 156 22.62 23.22 11.20
C GLU B 156 22.12 23.75 9.86
N ALA B 157 22.18 22.89 8.85
CA ALA B 157 21.70 23.22 7.52
C ALA B 157 20.18 23.40 7.50
N ALA B 158 19.49 22.71 8.40
CA ALA B 158 18.03 22.80 8.47
C ALA B 158 17.59 24.20 8.92
N LYS B 159 18.09 24.62 10.08
CA LYS B 159 17.81 25.96 10.61
C LYS B 159 18.23 27.03 9.61
N TYR B 160 19.30 26.72 8.87
CA TYR B 160 19.81 27.62 7.85
C TYR B 160 18.78 27.87 6.76
N LEU B 161 18.26 26.77 6.20
CA LEU B 161 17.36 26.85 5.04
C LEU B 161 16.07 27.60 5.32
N LYS B 162 15.51 27.39 6.51
CA LYS B 162 14.29 28.08 6.91
C LYS B 162 14.53 29.58 6.96
N ARG B 163 15.71 29.97 7.46
CA ARG B 163 16.09 31.37 7.65
C ARG B 163 16.05 32.22 6.37
N LYS B 164 17.02 31.99 5.49
CA LYS B 164 17.24 32.86 4.34
C LYS B 164 16.11 32.82 3.31
N LYS B 165 16.32 33.48 2.19
CA LYS B 165 15.31 33.60 1.14
C LYS B 165 15.83 32.94 -0.13
N GLU B 166 14.94 32.71 -1.10
CA GLU B 166 15.31 31.98 -2.33
C GLU B 166 16.43 32.68 -3.12
N SER B 167 16.37 34.00 -3.23
CA SER B 167 17.41 34.75 -3.92
C SER B 167 18.73 34.58 -3.18
N GLU B 168 18.68 34.62 -1.85
CA GLU B 168 19.83 34.30 -1.00
C GLU B 168 20.38 32.90 -1.24
N ILE B 169 19.49 31.91 -1.09
CA ILE B 169 19.88 30.52 -1.27
C ILE B 169 20.43 30.32 -2.69
N HIS B 170 19.84 31.00 -3.67
CA HIS B 170 20.40 31.04 -5.02
C HIS B 170 21.85 31.52 -5.03
N GLU B 171 22.12 32.56 -4.23
CA GLU B 171 23.46 33.14 -4.12
C GLU B 171 24.44 32.12 -3.57
N MET B 172 24.06 31.49 -2.46
CA MET B 172 24.88 30.45 -1.84
C MET B 172 25.12 29.33 -2.85
N LEU B 173 24.05 28.90 -3.51
CA LEU B 173 24.16 27.89 -4.56
C LEU B 173 25.14 28.31 -5.63
N PHE B 174 25.21 29.62 -5.89
CA PHE B 174 26.03 30.09 -7.00
C PHE B 174 27.51 30.06 -6.66
N GLU B 175 27.85 30.34 -5.40
CA GLU B 175 29.22 30.24 -4.90
C GLU B 175 29.71 28.79 -4.73
N ARG B 176 28.84 27.83 -5.02
CA ARG B 176 29.25 26.43 -5.03
C ARG B 176 29.13 25.87 -6.43
N GLY B 177 29.07 26.76 -7.42
CA GLY B 177 29.10 26.35 -8.81
C GLY B 177 27.76 25.85 -9.32
N ILE B 178 26.72 26.05 -8.54
CA ILE B 178 25.40 25.54 -8.90
C ILE B 178 24.43 26.62 -9.38
N ASN B 179 24.00 26.50 -10.62
CA ASN B 179 22.98 27.39 -11.16
C ASN B 179 21.72 26.62 -11.53
N LEU B 180 20.64 26.87 -10.78
CA LEU B 180 19.45 26.05 -10.84
C LEU B 180 18.72 26.12 -12.18
N ALA B 181 19.04 27.12 -12.99
CA ALA B 181 18.40 27.24 -14.30
C ALA B 181 19.01 26.29 -15.31
N THR B 182 20.14 25.67 -14.97
CA THR B 182 20.75 24.68 -15.88
C THR B 182 20.22 23.24 -15.69
N LEU B 183 19.59 22.97 -14.55
CA LEU B 183 19.08 21.63 -14.23
C LEU B 183 17.82 21.27 -15.03
N PRO B 184 17.58 19.97 -15.22
CA PRO B 184 16.41 19.51 -16.01
C PRO B 184 15.07 19.99 -15.46
N SER B 185 14.15 20.32 -16.37
CA SER B 185 12.82 20.78 -16.01
C SER B 185 12.13 19.89 -14.97
N TRP B 186 12.29 18.57 -15.10
CA TRP B 186 11.52 17.67 -14.25
C TRP B 186 11.90 17.77 -12.77
N GLN B 187 13.14 18.17 -12.46
CA GLN B 187 13.52 18.25 -11.05
C GLN B 187 12.70 19.27 -10.30
N ARG B 188 12.29 20.33 -10.99
CA ARG B 188 11.54 21.41 -10.35
C ARG B 188 10.05 21.37 -10.70
N ARG B 189 9.67 20.72 -11.79
CA ARG B 189 8.27 20.70 -12.22
C ARG B 189 7.50 19.37 -12.02
N GLY B 190 8.21 18.27 -11.83
CA GLY B 190 7.59 16.97 -11.65
C GLY B 190 7.30 16.30 -12.97
N VAL B 191 6.59 15.18 -12.93
CA VAL B 191 6.32 14.35 -14.12
C VAL B 191 4.84 13.98 -14.17
N ILE B 192 4.27 13.93 -15.36
CA ILE B 192 2.87 13.57 -15.54
C ILE B 192 2.76 12.19 -16.20
N ILE B 193 1.95 11.31 -15.63
CA ILE B 193 1.73 9.99 -16.22
C ILE B 193 0.26 9.84 -16.56
N SER B 194 -0.05 9.58 -17.83
CA SER B 194 -1.44 9.48 -18.26
C SER B 194 -1.61 8.55 -19.45
N LYS B 195 -2.83 8.04 -19.62
CA LYS B 195 -3.17 7.23 -20.79
C LYS B 195 -3.33 8.15 -21.99
N GLU B 196 -2.74 7.78 -23.11
CA GLU B 196 -2.91 8.55 -24.33
C GLU B 196 -3.27 7.66 -25.52
N ALA B 197 -3.99 8.25 -26.48
CA ALA B 197 -4.26 7.58 -27.74
C ALA B 197 -3.51 8.32 -28.83
N ARG B 198 -2.86 7.58 -29.72
CA ARG B 198 -2.05 8.21 -30.74
C ARG B 198 -2.21 7.47 -32.06
N GLU B 199 -2.03 8.22 -33.16
CA GLU B 199 -2.08 7.69 -34.51
C GLU B 199 -1.08 6.54 -34.71
N ILE B 200 -1.59 5.36 -35.07
CA ILE B 200 -0.72 4.20 -35.25
C ILE B 200 -0.95 3.47 -36.57
N GLN B 201 0.11 3.42 -37.38
CA GLN B 201 0.10 2.76 -38.69
C GLN B 201 1.23 1.74 -38.76
N GLY B 202 0.89 0.46 -38.72
CA GLY B 202 1.90 -0.59 -38.75
C GLY B 202 1.48 -1.90 -39.37
N PHE B 203 2.40 -2.86 -39.41
CA PHE B 203 2.09 -4.19 -39.89
C PHE B 203 1.64 -5.07 -38.74
N ASN B 204 0.51 -5.74 -38.94
CA ASN B 204 -0.04 -6.65 -37.94
C ASN B 204 0.98 -7.72 -37.56
N PRO B 205 1.29 -7.85 -36.27
CA PRO B 205 2.25 -8.88 -35.83
C PRO B 205 1.90 -10.31 -36.28
N VAL B 206 0.64 -10.59 -36.59
CA VAL B 206 0.26 -11.94 -37.02
C VAL B 206 0.07 -12.09 -38.53
N SER B 207 -0.35 -11.02 -39.21
CA SER B 207 -0.94 -11.15 -40.54
C SER B 207 0.05 -11.30 -41.72
N GLY B 208 0.91 -10.34 -42.05
CA GLY B 208 1.19 -9.13 -41.32
C GLY B 208 0.85 -7.96 -42.22
N LYS B 209 -0.45 -7.72 -42.34
CA LYS B 209 -0.94 -6.67 -43.22
C LYS B 209 -0.82 -5.29 -42.57
N GLU B 210 -0.52 -4.32 -43.41
CA GLU B 210 -0.55 -2.92 -43.05
C GLU B 210 -1.88 -2.60 -42.36
N GLU B 211 -1.82 -1.82 -41.29
CA GLU B 211 -3.00 -1.56 -40.46
C GLU B 211 -2.93 -0.18 -39.80
N LYS B 212 -4.08 0.45 -39.62
CA LYS B 212 -4.12 1.73 -38.93
C LYS B 212 -4.91 1.62 -37.63
N SER B 213 -5.38 0.41 -37.32
CA SER B 213 -6.11 0.13 -36.09
C SER B 213 -5.39 0.72 -34.88
N LEU B 214 -5.96 1.78 -34.33
CA LEU B 214 -5.32 2.56 -33.29
C LEU B 214 -5.21 1.79 -31.97
N ARG B 215 -4.28 2.24 -31.12
CA ARG B 215 -4.00 1.53 -29.88
C ARG B 215 -3.77 2.54 -28.74
N ARG B 216 -3.78 2.03 -27.51
CA ARG B 216 -3.65 2.84 -26.30
C ARG B 216 -2.29 2.68 -25.63
N LYS B 217 -1.83 3.74 -24.99
CA LYS B 217 -0.59 3.66 -24.22
C LYS B 217 -0.63 4.60 -23.02
N ILE B 218 0.14 4.25 -22.01
CA ILE B 218 0.38 5.11 -20.87
C ILE B 218 1.68 5.85 -21.13
N THR B 219 1.64 7.18 -21.09
CA THR B 219 2.82 7.98 -21.43
C THR B 219 3.32 8.82 -20.27
N GLN B 220 4.63 8.82 -20.08
CA GLN B 220 5.21 9.67 -19.05
C GLN B 220 5.75 10.95 -19.68
N ASN B 221 5.35 12.09 -19.15
CA ASN B 221 5.76 13.37 -19.69
C ASN B 221 6.73 14.02 -18.75
N TRP B 222 8.00 14.04 -19.15
CA TRP B 222 9.09 14.51 -18.32
C TRP B 222 9.47 15.97 -18.62
N GLU B 223 8.70 16.61 -19.50
CA GLU B 223 8.91 18.01 -19.85
C GLU B 223 7.59 18.75 -19.86
N ILE B 224 7.00 18.91 -18.68
CA ILE B 224 5.68 19.52 -18.57
C ILE B 224 5.79 21.02 -18.40
N PRO B 225 4.76 21.75 -18.82
CA PRO B 225 4.77 23.20 -18.57
C PRO B 225 4.56 23.52 -17.08
N LYS B 226 4.80 24.78 -16.71
CA LYS B 226 4.31 25.30 -15.45
C LYS B 226 2.79 25.42 -15.57
N PHE B 227 2.05 24.78 -14.67
CA PHE B 227 0.58 24.68 -14.81
C PHE B 227 -0.09 26.05 -14.89
N LYS B 228 0.31 26.94 -14.00
CA LYS B 228 -0.24 28.28 -13.93
C LYS B 228 0.56 29.18 -14.87
N SER B 229 0.34 29.01 -16.16
CA SER B 229 1.04 29.78 -17.17
C SER B 229 0.29 29.67 -18.49
N GLU B 230 0.79 30.37 -19.49
CA GLU B 230 0.16 30.47 -20.80
C GLU B 230 -0.06 29.11 -21.41
N LYS B 231 1.03 28.38 -21.55
CA LYS B 231 1.02 27.02 -22.08
C LYS B 231 0.32 26.04 -21.13
N GLY B 232 0.49 26.26 -19.83
CA GLY B 232 0.08 25.30 -18.81
C GLY B 232 -1.42 25.16 -18.63
N ILE B 233 -2.15 26.26 -18.78
CA ILE B 233 -3.59 26.24 -18.51
C ILE B 233 -4.32 25.28 -19.46
N PRO B 234 -4.16 25.42 -20.79
CA PRO B 234 -4.85 24.41 -21.62
C PRO B 234 -4.31 22.97 -21.45
N PHE B 235 -3.02 22.83 -21.11
CA PHE B 235 -2.42 21.52 -20.84
C PHE B 235 -3.14 20.77 -19.72
N LEU B 236 -3.22 21.40 -18.55
CA LEU B 236 -3.92 20.83 -17.40
C LEU B 236 -5.41 20.60 -17.68
N GLU B 237 -6.07 21.56 -18.30
CA GLU B 237 -7.51 21.43 -18.54
C GLU B 237 -7.74 20.29 -19.52
N LYS B 238 -6.76 19.99 -20.36
CA LYS B 238 -6.89 18.89 -21.31
C LYS B 238 -6.79 17.53 -20.61
N LEU B 239 -5.88 17.42 -19.65
CA LEU B 239 -5.72 16.20 -18.88
C LEU B 239 -6.99 15.90 -18.07
N ILE B 240 -7.56 16.94 -17.48
CA ILE B 240 -8.76 16.82 -16.67
C ILE B 240 -10.03 16.60 -17.52
N ASN B 241 -10.10 17.30 -18.65
CA ASN B 241 -11.32 17.48 -19.47
C ASN B 241 -12.33 18.35 -18.73
C1 GOL C . -2.78 -19.09 -0.69
O1 GOL C . -1.59 -19.76 -1.04
C2 GOL C . -2.72 -17.63 -1.16
O2 GOL C . -2.77 -17.58 -2.57
C3 GOL C . -3.93 -16.88 -0.64
O3 GOL C . -4.97 -16.95 -1.59
C1 GOL D . 24.42 5.94 -8.34
O1 GOL D . 25.41 6.42 -9.21
C2 GOL D . 23.12 5.71 -9.12
O2 GOL D . 23.44 5.35 -10.45
C3 GOL D . 22.31 4.61 -8.44
O3 GOL D . 20.94 4.69 -8.80
C1 GOL E . 15.20 10.70 -0.12
O1 GOL E . 13.90 11.27 -0.02
C2 GOL E . 15.22 9.64 -1.24
O2 GOL E . 13.98 9.60 -1.88
C3 GOL E . 16.30 9.94 -2.28
O3 GOL E . 16.18 9.01 -3.35
C1 GOL F . 19.28 14.75 -13.80
O1 GOL F . 19.93 13.83 -12.94
C2 GOL F . 19.34 14.38 -15.29
O2 GOL F . 20.00 13.14 -15.46
C3 GOL F . 17.91 14.27 -15.79
O3 GOL F . 17.69 14.32 -17.18
C1 GOL G . 12.99 11.23 -20.24
O1 GOL G . 13.76 12.27 -19.66
C2 GOL G . 13.51 9.87 -19.77
O2 GOL G . 14.37 10.05 -18.68
C3 GOL G . 12.36 8.96 -19.33
O3 GOL G . 11.74 8.33 -20.43
#